data_8U96
#
_entry.id   8U96
#
_cell.length_a   32.635
_cell.length_b   49.131
_cell.length_c   63.683
_cell.angle_alpha   90.00
_cell.angle_beta   96.70
_cell.angle_gamma   90.00
#
_symmetry.space_group_name_H-M   'P 1 21 1'
#
loop_
_entity.id
_entity.type
_entity.pdbx_description
1 polymer 'Dephospho-CoA kinase'
2 non-polymer "ADENOSINE-5'-TRIPHOSPHATE"
3 non-polymer DI(HYDROXYETHYL)ETHER
4 non-polymer (4S)-2-METHYL-2,4-PENTANEDIOL
5 non-polymer 'CHLORIDE ION'
6 water water
#
_entity_poly.entity_id   1
_entity_poly.type   'polypeptide(L)'
_entity_poly.pdbx_seq_one_letter_code
;MAHHHHHHMTYTVALTGGIGSGKSTVADEFAHLGVTVIDADIIARQVVEPGTPALLAIAERFGPQMINDDGSLNRRRLRE
RIFAHSEDKAWLNALLHPLIQQETRRQMQASTSPYLLWVVPLLVENRLTDKADRILVVDVPKETQIERTIRRDGVSREHA
EHILAAQATREQRLAAADDVIENMGSADAVASHVARLHDKYLMLASQAASQEKP
;
_entity_poly.pdbx_strand_id   A
#
loop_
_chem_comp.id
_chem_comp.type
_chem_comp.name
_chem_comp.formula
ATP non-polymer ADENOSINE-5'-TRIPHOSPHATE 'C10 H16 N5 O13 P3'
CL non-polymer 'CHLORIDE ION' 'Cl -1'
MPD non-polymer (4S)-2-METHYL-2,4-PENTANEDIOL 'C6 H14 O2'
PEG non-polymer DI(HYDROXYETHYL)ETHER 'C4 H10 O3'
#
# COMPACT_ATOMS: atom_id res chain seq x y z
N THR A 10 0.78 11.95 -15.96
CA THR A 10 -0.43 12.24 -15.18
C THR A 10 -0.06 12.77 -13.80
N TYR A 11 -0.81 13.77 -13.35
CA TYR A 11 -0.60 14.33 -12.03
C TYR A 11 -0.70 13.23 -10.98
N THR A 12 0.32 13.12 -10.11
CA THR A 12 0.43 12.00 -9.19
C THR A 12 0.60 12.47 -7.76
N VAL A 13 -0.23 11.93 -6.87
CA VAL A 13 -0.12 12.16 -5.45
C VAL A 13 0.39 10.87 -4.82
N ALA A 14 1.47 10.97 -4.05
CA ALA A 14 2.03 9.83 -3.33
C ALA A 14 1.49 9.86 -1.91
N LEU A 15 0.85 8.77 -1.51
CA LEU A 15 0.31 8.62 -0.16
C LEU A 15 1.24 7.71 0.65
N THR A 16 1.67 8.16 1.81
CA THR A 16 2.50 7.33 2.66
C THR A 16 2.04 7.48 4.10
N GLY A 17 2.67 6.70 4.95
CA GLY A 17 2.36 6.64 6.36
C GLY A 17 2.97 5.38 6.94
N GLY A 18 3.15 5.38 8.26
CA GLY A 18 3.74 4.26 8.95
C GLY A 18 2.77 3.09 9.09
N ILE A 19 3.30 1.97 9.58
CA ILE A 19 2.46 0.80 9.77
C ILE A 19 1.27 1.14 10.67
N GLY A 20 0.10 0.65 10.26
CA GLY A 20 -1.11 0.84 11.04
C GLY A 20 -1.75 2.21 10.93
N SER A 21 -1.20 3.12 10.12
CA SER A 21 -1.71 4.49 10.09
C SER A 21 -3.02 4.61 9.30
N GLY A 22 -3.23 3.73 8.32
CA GLY A 22 -4.45 3.75 7.53
C GLY A 22 -4.26 4.21 6.10
N LYS A 23 -3.10 3.95 5.51
CA LYS A 23 -2.88 4.27 4.11
C LYS A 23 -4.00 3.71 3.24
N SER A 24 -4.27 2.40 3.33
CA SER A 24 -5.32 1.81 2.49
C SER A 24 -6.69 2.35 2.84
N THR A 25 -6.94 2.60 4.12
CA THR A 25 -8.22 3.15 4.54
C THR A 25 -8.50 4.51 3.89
N VAL A 26 -7.50 5.39 3.89
CA VAL A 26 -7.65 6.70 3.26
C VAL A 26 -7.70 6.58 1.74
N ALA A 27 -6.84 5.72 1.17
CA ALA A 27 -6.84 5.55 -0.28
C ALA A 27 -8.22 5.12 -0.78
N ASP A 28 -8.92 4.27 -0.02
CA ASP A 28 -10.23 3.82 -0.45
C ASP A 28 -11.20 5.00 -0.58
N GLU A 29 -11.10 5.98 0.31
CA GLU A 29 -11.96 7.17 0.22
C GLU A 29 -11.68 7.93 -1.07
N PHE A 30 -10.42 8.07 -1.45
CA PHE A 30 -10.12 8.70 -2.73
C PHE A 30 -10.66 7.87 -3.88
N ALA A 31 -10.54 6.54 -3.80
CA ALA A 31 -11.10 5.69 -4.84
C ALA A 31 -12.61 5.94 -4.99
N HIS A 32 -13.32 6.12 -3.88
CA HIS A 32 -14.76 6.39 -3.93
C HIS A 32 -15.08 7.68 -4.67
N LEU A 33 -14.12 8.59 -4.77
CA LEU A 33 -14.28 9.84 -5.51
C LEU A 33 -13.80 9.73 -6.95
N GLY A 34 -13.55 8.52 -7.42
CA GLY A 34 -13.19 8.27 -8.81
C GLY A 34 -11.72 8.29 -9.10
N VAL A 35 -10.86 8.45 -8.09
CA VAL A 35 -9.42 8.50 -8.29
C VAL A 35 -8.87 7.10 -8.51
N THR A 36 -8.03 6.96 -9.53
CA THR A 36 -7.30 5.71 -9.72
C THR A 36 -6.26 5.57 -8.62
N VAL A 37 -6.35 4.50 -7.85
CA VAL A 37 -5.40 4.20 -6.79
C VAL A 37 -4.51 3.05 -7.25
N ILE A 38 -3.20 3.27 -7.19
CA ILE A 38 -2.20 2.25 -7.50
C ILE A 38 -1.54 1.83 -6.20
N ASP A 39 -1.60 0.54 -5.89
CA ASP A 39 -1.01 0.01 -4.66
C ASP A 39 -0.35 -1.33 -4.99
N ALA A 40 0.97 -1.37 -4.92
CA ALA A 40 1.72 -2.56 -5.29
C ALA A 40 1.36 -3.76 -4.42
N ASP A 41 0.97 -3.55 -3.16
CA ASP A 41 0.58 -4.67 -2.30
C ASP A 41 -0.73 -5.29 -2.78
N ILE A 42 -1.67 -4.46 -3.20
CA ILE A 42 -2.92 -4.97 -3.75
C ILE A 42 -2.64 -5.73 -5.04
N ILE A 43 -1.80 -5.18 -5.91
CA ILE A 43 -1.51 -5.84 -7.18
C ILE A 43 -0.81 -7.18 -6.93
N ALA A 44 0.10 -7.22 -5.97
CA ALA A 44 0.77 -8.49 -5.68
C ALA A 44 -0.23 -9.54 -5.26
N ARG A 45 -1.22 -9.16 -4.47
CA ARG A 45 -2.25 -10.13 -4.09
C ARG A 45 -3.10 -10.54 -5.27
N GLN A 46 -3.40 -9.61 -6.17
CA GLN A 46 -4.28 -9.99 -7.28
C GLN A 46 -3.58 -10.91 -8.27
N VAL A 47 -2.25 -10.81 -8.42
CA VAL A 47 -1.56 -11.69 -9.36
C VAL A 47 -1.47 -13.13 -8.86
N VAL A 48 -1.75 -13.39 -7.58
CA VAL A 48 -1.77 -14.75 -7.06
C VAL A 48 -3.17 -15.16 -6.59
N GLU A 49 -4.22 -14.48 -7.09
CA GLU A 49 -5.58 -14.82 -6.73
C GLU A 49 -5.96 -16.24 -7.14
N PRO A 50 -7.07 -16.75 -6.59
CA PRO A 50 -7.53 -18.08 -7.03
C PRO A 50 -7.60 -18.19 -8.54
N GLY A 51 -7.13 -19.31 -9.07
CA GLY A 51 -7.21 -19.58 -10.48
C GLY A 51 -6.14 -18.95 -11.34
N THR A 52 -5.25 -18.15 -10.78
CA THR A 52 -4.26 -17.46 -11.60
C THR A 52 -3.13 -18.40 -12.01
N PRO A 53 -2.49 -18.13 -13.14
CA PRO A 53 -1.32 -18.94 -13.53
C PRO A 53 -0.18 -18.87 -12.53
N ALA A 54 0.02 -17.73 -11.88
CA ALA A 54 1.11 -17.63 -10.90
C ALA A 54 0.81 -18.51 -9.69
N LEU A 55 -0.43 -18.54 -9.23
CA LEU A 55 -0.77 -19.42 -8.12
C LEU A 55 -0.56 -20.88 -8.51
N LEU A 56 -0.93 -21.24 -9.75
CA LEU A 56 -0.69 -22.61 -10.19
C LEU A 56 0.81 -22.92 -10.19
N ALA A 57 1.63 -21.98 -10.65
CA ALA A 57 3.07 -22.22 -10.67
C ALA A 57 3.60 -22.46 -9.27
N ILE A 58 3.11 -21.68 -8.30
CA ILE A 58 3.52 -21.86 -6.90
C ILE A 58 3.14 -23.26 -6.41
N ALA A 59 1.90 -23.67 -6.69
CA ALA A 59 1.43 -24.99 -6.26
C ALA A 59 2.18 -26.11 -6.97
N GLU A 60 2.46 -25.95 -8.26
CA GLU A 60 3.13 -27.04 -8.97
C GLU A 60 4.56 -27.19 -8.50
N ARG A 61 5.20 -26.11 -8.08
CA ARG A 61 6.55 -26.23 -7.55
C ARG A 61 6.52 -26.76 -6.13
N PHE A 62 5.78 -26.11 -5.24
CA PHE A 62 5.89 -26.35 -3.80
C PHE A 62 4.84 -27.29 -3.24
N GLY A 63 3.74 -27.52 -3.94
CA GLY A 63 2.77 -28.51 -3.56
C GLY A 63 1.37 -27.96 -3.40
N PRO A 64 0.38 -28.86 -3.44
CA PRO A 64 -1.03 -28.43 -3.35
C PRO A 64 -1.39 -27.82 -2.01
N GLN A 65 -0.60 -28.05 -0.97
CA GLN A 65 -0.84 -27.43 0.32
C GLN A 65 -0.66 -25.92 0.27
N MET A 66 -0.08 -25.38 -0.82
CA MET A 66 -0.02 -23.95 -1.01
C MET A 66 -1.38 -23.33 -1.33
N ILE A 67 -2.40 -24.14 -1.59
CA ILE A 67 -3.74 -23.65 -1.94
C ILE A 67 -4.72 -24.07 -0.85
N ASN A 68 -5.41 -23.09 -0.29
CA ASN A 68 -6.45 -23.35 0.69
C ASN A 68 -7.68 -23.98 0.04
N ASP A 69 -8.57 -24.50 0.88
CA ASP A 69 -9.81 -25.10 0.38
C ASP A 69 -10.64 -24.11 -0.42
N ASP A 70 -10.56 -22.82 -0.12
CA ASP A 70 -11.30 -21.83 -0.90
C ASP A 70 -10.60 -21.43 -2.19
N GLY A 71 -9.47 -22.06 -2.53
CA GLY A 71 -8.75 -21.75 -3.76
C GLY A 71 -7.72 -20.65 -3.66
N SER A 72 -7.58 -20.00 -2.51
CA SER A 72 -6.60 -18.93 -2.37
C SER A 72 -5.25 -19.45 -1.91
N LEU A 73 -4.26 -18.59 -2.08
CA LEU A 73 -2.91 -18.88 -1.61
C LEU A 73 -2.88 -19.01 -0.10
N ASN A 74 -2.23 -20.06 0.37
CA ASN A 74 -1.96 -20.20 1.80
C ASN A 74 -0.68 -19.42 2.07
N ARG A 75 -0.84 -18.18 2.49
CA ARG A 75 0.30 -17.27 2.58
C ARG A 75 1.27 -17.73 3.64
N ARG A 76 0.76 -18.23 4.77
CA ARG A 76 1.66 -18.69 5.82
C ARG A 76 2.53 -19.83 5.32
N ARG A 77 1.95 -20.77 4.57
CA ARG A 77 2.76 -21.88 4.08
C ARG A 77 3.83 -21.40 3.11
N LEU A 78 3.51 -20.40 2.29
CA LEU A 78 4.52 -19.85 1.41
C LEU A 78 5.60 -19.11 2.21
N ARG A 79 5.22 -18.33 3.23
CA ARG A 79 6.24 -17.70 4.07
C ARG A 79 7.12 -18.75 4.74
N GLU A 80 6.53 -19.85 5.19
CA GLU A 80 7.32 -20.92 5.78
C GLU A 80 8.30 -21.48 4.77
N ARG A 81 7.89 -21.66 3.53
CA ARG A 81 8.77 -22.21 2.52
C ARG A 81 9.96 -21.29 2.28
N ILE A 82 9.72 -19.99 2.14
CA ILE A 82 10.81 -19.05 1.91
C ILE A 82 11.71 -18.92 3.13
N PHE A 83 11.14 -19.04 4.33
CA PHE A 83 11.95 -19.00 5.54
C PHE A 83 12.91 -20.17 5.61
N ALA A 84 12.44 -21.35 5.20
CA ALA A 84 13.28 -22.54 5.20
C ALA A 84 14.23 -22.56 4.02
N HIS A 85 13.87 -21.94 2.90
CA HIS A 85 14.64 -22.01 1.66
C HIS A 85 14.80 -20.61 1.09
N SER A 86 15.80 -19.88 1.56
CA SER A 86 15.93 -18.49 1.16
C SER A 86 16.12 -18.37 -0.34
N GLU A 87 16.65 -19.41 -0.98
CA GLU A 87 16.85 -19.35 -2.42
C GLU A 87 15.52 -19.25 -3.18
N ASP A 88 14.41 -19.69 -2.58
CA ASP A 88 13.13 -19.62 -3.27
C ASP A 88 12.58 -18.20 -3.32
N LYS A 89 13.16 -17.26 -2.59
CA LYS A 89 12.75 -15.87 -2.73
C LYS A 89 13.06 -15.34 -4.14
N ALA A 90 14.23 -15.71 -4.67
CA ALA A 90 14.59 -15.28 -6.02
C ALA A 90 13.62 -15.88 -7.04
N TRP A 91 13.24 -17.13 -6.83
CA TRP A 91 12.30 -17.77 -7.75
C TRP A 91 10.96 -17.04 -7.71
N LEU A 92 10.48 -16.74 -6.50
CA LEU A 92 9.19 -16.07 -6.38
C LEU A 92 9.24 -14.68 -6.99
N ASN A 93 10.35 -13.96 -6.80
CA ASN A 93 10.48 -12.63 -7.40
C ASN A 93 10.49 -12.71 -8.93
N ALA A 94 11.20 -13.69 -9.48
CA ALA A 94 11.23 -13.86 -10.92
C ALA A 94 9.85 -14.16 -11.48
N LEU A 95 9.02 -14.90 -10.74
CA LEU A 95 7.68 -15.22 -11.19
C LEU A 95 6.77 -14.00 -11.10
N LEU A 96 6.81 -13.31 -9.95
CA LEU A 96 5.80 -12.30 -9.65
C LEU A 96 6.17 -10.90 -10.11
N HIS A 97 7.44 -10.52 -10.07
CA HIS A 97 7.78 -9.15 -10.39
C HIS A 97 7.32 -8.75 -11.79
N PRO A 98 7.54 -9.54 -12.84
CA PRO A 98 7.03 -9.15 -14.17
C PRO A 98 5.52 -8.97 -14.21
N LEU A 99 4.78 -9.80 -13.48
CA LEU A 99 3.33 -9.68 -13.46
C LEU A 99 2.90 -8.40 -12.74
N ILE A 100 3.58 -8.06 -11.65
CA ILE A 100 3.24 -6.86 -10.89
C ILE A 100 3.54 -5.62 -11.72
N GLN A 101 4.71 -5.61 -12.37
CA GLN A 101 5.08 -4.50 -13.23
C GLN A 101 4.06 -4.33 -14.36
N GLN A 102 3.70 -5.43 -15.01
CA GLN A 102 2.73 -5.38 -16.11
C GLN A 102 1.38 -4.84 -15.64
N GLU A 103 0.91 -5.32 -14.50
CA GLU A 103 -0.41 -4.88 -14.03
C GLU A 103 -0.37 -3.43 -13.55
N THR A 104 0.77 -3.00 -12.98
CA THR A 104 0.91 -1.59 -12.62
C THR A 104 0.77 -0.71 -13.84
N ARG A 105 1.47 -1.08 -14.91
CA ARG A 105 1.42 -0.29 -16.13
C ARG A 105 0.03 -0.35 -16.77
N ARG A 106 -0.61 -1.53 -16.75
CA ARG A 106 -1.97 -1.60 -17.31
C ARG A 106 -2.91 -0.65 -16.58
N GLN A 107 -2.84 -0.64 -15.25
CA GLN A 107 -3.72 0.25 -14.47
C GLN A 107 -3.44 1.71 -14.74
N MET A 108 -2.15 2.09 -14.85
CA MET A 108 -1.83 3.46 -15.21
C MET A 108 -2.45 3.84 -16.55
N GLN A 109 -2.30 2.96 -17.55
CA GLN A 109 -2.78 3.27 -18.90
CA GLN A 109 -2.79 3.26 -18.90
C GLN A 109 -4.30 3.31 -18.96
N ALA A 110 -4.98 2.47 -18.19
CA ALA A 110 -6.44 2.43 -18.23
C ALA A 110 -7.08 3.61 -17.48
N SER A 111 -6.33 4.26 -16.63
CA SER A 111 -6.90 5.33 -15.83
C SER A 111 -7.38 6.47 -16.73
N THR A 112 -8.54 7.02 -16.37
CA THR A 112 -9.02 8.24 -17.01
C THR A 112 -9.34 9.32 -15.97
N SER A 113 -8.86 9.17 -14.74
CA SER A 113 -9.12 10.17 -13.70
C SER A 113 -8.16 11.36 -13.82
N PRO A 114 -8.57 12.52 -13.31
CA PRO A 114 -7.70 13.70 -13.45
C PRO A 114 -6.33 13.56 -12.81
N TYR A 115 -6.21 12.75 -11.77
CA TYR A 115 -4.91 12.49 -11.15
C TYR A 115 -4.89 11.06 -10.62
N LEU A 116 -3.69 10.60 -10.29
CA LEU A 116 -3.43 9.27 -9.78
C LEU A 116 -3.01 9.37 -8.32
N LEU A 117 -3.48 8.44 -7.50
CA LEU A 117 -3.03 8.30 -6.11
C LEU A 117 -2.20 7.02 -6.01
N TRP A 118 -0.94 7.17 -5.65
CA TRP A 118 -0.02 6.04 -5.54
C TRP A 118 0.26 5.79 -4.06
N VAL A 119 -0.03 4.59 -3.59
CA VAL A 119 0.27 4.23 -2.21
C VAL A 119 1.71 3.75 -2.15
N VAL A 120 2.54 4.47 -1.41
CA VAL A 120 3.99 4.22 -1.37
C VAL A 120 4.42 4.08 0.08
N PRO A 121 4.36 2.87 0.66
CA PRO A 121 4.70 2.73 2.09
C PRO A 121 6.08 3.21 2.48
N LEU A 122 7.10 3.02 1.62
CA LEU A 122 8.47 3.38 1.96
C LEU A 122 8.94 4.61 1.19
N LEU A 123 8.02 5.55 0.94
CA LEU A 123 8.36 6.76 0.19
C LEU A 123 9.54 7.47 0.82
N VAL A 124 9.50 7.72 2.12
CA VAL A 124 10.59 8.42 2.78
C VAL A 124 11.81 7.52 2.93
N GLU A 125 11.59 6.26 3.35
CA GLU A 125 12.72 5.37 3.64
C GLU A 125 13.58 5.13 2.40
N ASN A 126 12.96 4.93 1.25
CA ASN A 126 13.65 4.71 0.00
C ASN A 126 13.89 6.00 -0.78
N ARG A 127 13.61 7.15 -0.19
CA ARG A 127 13.90 8.45 -0.79
C ARG A 127 13.29 8.55 -2.19
N LEU A 128 11.96 8.46 -2.24
CA LEU A 128 11.20 8.62 -3.47
C LEU A 128 10.38 9.92 -3.48
N THR A 129 10.75 10.89 -2.65
CA THR A 129 9.97 12.12 -2.49
C THR A 129 10.10 13.07 -3.67
N ASP A 130 10.66 12.64 -4.79
CA ASP A 130 10.79 13.48 -5.97
C ASP A 130 9.96 13.01 -7.15
N LYS A 131 9.43 11.79 -7.12
CA LYS A 131 8.68 11.26 -8.25
C LYS A 131 7.28 11.84 -8.34
N ALA A 132 6.66 12.11 -7.20
CA ALA A 132 5.27 12.54 -7.17
C ALA A 132 5.17 14.07 -7.20
N ASP A 133 4.05 14.55 -7.73
CA ASP A 133 3.80 15.99 -7.73
C ASP A 133 3.46 16.48 -6.33
N ARG A 134 2.94 15.59 -5.49
CA ARG A 134 2.46 15.95 -4.17
C ARG A 134 2.61 14.77 -3.23
N ILE A 135 2.90 15.04 -1.97
CA ILE A 135 3.05 14.01 -0.94
C ILE A 135 1.97 14.22 0.13
N LEU A 136 1.16 13.19 0.34
CA LEU A 136 0.15 13.13 1.39
C LEU A 136 0.58 12.10 2.42
N VAL A 137 0.67 12.52 3.69
CA VAL A 137 1.01 11.62 4.78
C VAL A 137 -0.23 11.37 5.60
N VAL A 138 -0.55 10.10 5.83
CA VAL A 138 -1.58 9.70 6.77
C VAL A 138 -0.90 9.53 8.12
N ASP A 139 -1.35 10.30 9.11
CA ASP A 139 -0.68 10.37 10.40
C ASP A 139 -1.62 9.93 11.51
N VAL A 140 -1.05 9.23 12.49
CA VAL A 140 -1.72 8.89 13.73
C VAL A 140 -0.68 8.92 14.84
N PRO A 141 -1.09 9.04 16.09
CA PRO A 141 -0.12 8.93 17.19
C PRO A 141 0.56 7.57 17.18
N LYS A 142 1.77 7.54 17.74
CA LYS A 142 2.54 6.30 17.85
C LYS A 142 1.75 5.19 18.52
N GLU A 143 1.08 5.50 19.62
CA GLU A 143 0.31 4.47 20.33
C GLU A 143 -0.80 3.92 19.44
N THR A 144 -1.36 4.76 18.56
CA THR A 144 -2.40 4.29 17.66
C THR A 144 -1.84 3.32 16.64
N GLN A 145 -0.67 3.63 16.06
CA GLN A 145 0.00 2.67 15.18
C GLN A 145 0.15 1.33 15.88
N ILE A 146 0.65 1.34 17.12
CA ILE A 146 0.92 0.08 17.82
C ILE A 146 -0.37 -0.69 18.05
N GLU A 147 -1.40 0.02 18.55
CA GLU A 147 -2.67 -0.63 18.86
CA GLU A 147 -2.65 -0.67 18.87
C GLU A 147 -3.28 -1.27 17.62
N ARG A 148 -3.27 -0.53 16.50
CA ARG A 148 -3.92 -1.04 15.30
C ARG A 148 -3.14 -2.18 14.67
N THR A 149 -1.81 -2.16 14.79
CA THR A 149 -0.99 -3.24 14.25
C THR A 149 -1.12 -4.50 15.09
N ILE A 150 -1.13 -4.38 16.41
CA ILE A 150 -1.37 -5.55 17.26
C ILE A 150 -2.69 -6.20 16.88
N ARG A 151 -3.76 -5.40 16.74
CA ARG A 151 -5.07 -5.96 16.46
C ARG A 151 -5.11 -6.66 15.11
N ARG A 152 -4.56 -6.02 14.08
CA ARG A 152 -4.70 -6.54 12.73
C ARG A 152 -3.79 -7.74 12.50
N ASP A 153 -2.57 -7.67 13.00
CA ASP A 153 -1.54 -8.63 12.64
C ASP A 153 -1.23 -9.65 13.73
N GLY A 154 -1.79 -9.51 14.93
CA GLY A 154 -1.54 -10.49 15.96
C GLY A 154 -0.10 -10.55 16.41
N VAL A 155 0.56 -9.41 16.52
CA VAL A 155 1.92 -9.28 17.02
C VAL A 155 1.89 -8.69 18.42
N SER A 156 2.97 -8.89 19.16
CA SER A 156 3.15 -8.26 20.45
C SER A 156 3.40 -6.76 20.29
N ARG A 157 3.14 -6.01 21.36
CA ARG A 157 3.49 -4.59 21.37
C ARG A 157 4.96 -4.39 21.08
N GLU A 158 5.82 -5.19 21.71
CA GLU A 158 7.26 -5.12 21.46
C GLU A 158 7.58 -5.34 19.99
N HIS A 159 6.92 -6.31 19.34
CA HIS A 159 7.15 -6.51 17.92
C HIS A 159 6.74 -5.26 17.12
N ALA A 160 5.56 -4.71 17.41
CA ALA A 160 5.14 -3.48 16.74
C ALA A 160 6.15 -2.36 16.94
N GLU A 161 6.70 -2.23 18.15
CA GLU A 161 7.73 -1.22 18.37
C GLU A 161 8.96 -1.45 17.51
N HIS A 162 9.36 -2.71 17.32
N HIS A 162 9.36 -2.71 17.32
CA HIS A 162 10.51 -2.99 16.46
CA HIS A 162 10.52 -2.98 16.46
C HIS A 162 10.23 -2.55 15.02
C HIS A 162 10.24 -2.56 15.02
N ILE A 163 9.02 -2.79 14.52
CA ILE A 163 8.68 -2.36 13.18
C ILE A 163 8.77 -0.85 13.07
N LEU A 164 8.23 -0.13 14.06
CA LEU A 164 8.31 1.32 14.04
C LEU A 164 9.77 1.78 13.99
N ALA A 165 10.64 1.15 14.77
CA ALA A 165 12.03 1.55 14.78
C ALA A 165 12.73 1.27 13.45
N ALA A 166 12.17 0.39 12.62
CA ALA A 166 12.74 0.09 11.31
C ALA A 166 12.13 0.96 10.21
N GLN A 167 11.18 1.82 10.55
CA GLN A 167 10.55 2.71 9.60
C GLN A 167 10.97 4.15 9.90
N ALA A 168 10.69 5.02 8.94
CA ALA A 168 10.96 6.44 9.14
C ALA A 168 10.21 6.93 10.36
N THR A 169 10.80 7.91 11.04
CA THR A 169 10.12 8.46 12.20
C THR A 169 8.89 9.23 11.75
N ARG A 170 7.95 9.37 12.69
CA ARG A 170 6.80 10.22 12.44
C ARG A 170 7.23 11.62 12.04
N GLU A 171 8.24 12.17 12.71
CA GLU A 171 8.68 13.53 12.42
C GLU A 171 9.26 13.63 11.01
N GLN A 172 10.01 12.61 10.59
CA GLN A 172 10.53 12.59 9.23
C GLN A 172 9.42 12.57 8.18
N ARG A 173 8.39 11.74 8.40
CA ARG A 173 7.28 11.70 7.46
C ARG A 173 6.56 13.03 7.40
N LEU A 174 6.29 13.64 8.56
CA LEU A 174 5.58 14.91 8.57
C LEU A 174 6.42 15.99 7.90
N ALA A 175 7.74 15.93 8.07
CA ALA A 175 8.63 16.91 7.44
C ALA A 175 8.54 16.82 5.92
N ALA A 176 8.41 15.61 5.38
CA ALA A 176 8.33 15.43 3.93
C ALA A 176 6.96 15.77 3.35
N ALA A 177 5.91 15.84 4.17
CA ALA A 177 4.56 15.93 3.65
C ALA A 177 4.25 17.32 3.10
N ASP A 178 3.49 17.34 1.99
CA ASP A 178 2.83 18.57 1.55
C ASP A 178 1.51 18.76 2.26
N ASP A 179 0.79 17.67 2.51
CA ASP A 179 -0.48 17.67 3.20
C ASP A 179 -0.46 16.50 4.16
N VAL A 180 -1.13 16.68 5.31
CA VAL A 180 -1.25 15.66 6.34
C VAL A 180 -2.73 15.43 6.59
N ILE A 181 -3.13 14.15 6.58
CA ILE A 181 -4.47 13.77 6.99
C ILE A 181 -4.33 12.89 8.23
N GLU A 182 -4.94 13.32 9.33
CA GLU A 182 -4.92 12.53 10.56
C GLU A 182 -6.09 11.55 10.53
N ASN A 183 -5.77 10.26 10.53
CA ASN A 183 -6.79 9.21 10.46
C ASN A 183 -7.23 8.89 11.88
N MET A 184 -7.90 9.88 12.46
CA MET A 184 -8.36 9.87 13.84
C MET A 184 -9.72 10.55 13.91
N GLY A 185 -10.45 10.30 14.99
CA GLY A 185 -11.77 10.88 15.17
C GLY A 185 -12.80 10.18 14.31
N SER A 186 -13.90 10.89 14.04
CA SER A 186 -15.01 10.29 13.33
C SER A 186 -14.62 9.98 11.89
N ALA A 187 -15.11 8.84 11.39
CA ALA A 187 -14.81 8.45 10.01
C ALA A 187 -15.41 9.43 9.01
N ASP A 188 -16.56 10.02 9.33
CA ASP A 188 -17.19 10.99 8.44
C ASP A 188 -16.29 12.20 8.24
N ALA A 189 -15.67 12.69 9.32
CA ALA A 189 -14.79 13.84 9.20
C ALA A 189 -13.52 13.52 8.41
N VAL A 190 -12.97 12.32 8.58
CA VAL A 190 -11.84 11.91 7.76
C VAL A 190 -12.23 11.91 6.28
N ALA A 191 -13.42 11.40 5.99
CA ALA A 191 -13.91 11.39 4.61
C ALA A 191 -14.11 12.81 4.07
N SER A 192 -14.62 13.72 4.90
CA SER A 192 -14.75 15.10 4.48
CA SER A 192 -14.76 15.11 4.49
C SER A 192 -13.38 15.73 4.26
N HIS A 193 -12.39 15.35 5.07
CA HIS A 193 -11.04 15.86 4.86
C HIS A 193 -10.52 15.36 3.52
N VAL A 194 -10.78 14.09 3.19
CA VAL A 194 -10.38 13.54 1.89
C VAL A 194 -11.04 14.32 0.76
N ALA A 195 -12.34 14.64 0.92
CA ALA A 195 -13.04 15.39 -0.12
C ALA A 195 -12.43 16.76 -0.34
N ARG A 196 -11.99 17.41 0.75
CA ARG A 196 -11.34 18.71 0.62
C ARG A 196 -10.00 18.58 -0.09
N LEU A 197 -9.21 17.55 0.25
CA LEU A 197 -7.94 17.34 -0.43
C LEU A 197 -8.15 16.98 -1.91
N HIS A 198 -9.17 16.17 -2.19
CA HIS A 198 -9.50 15.82 -3.57
C HIS A 198 -9.72 17.07 -4.43
N ASP A 199 -10.46 18.06 -3.91
CA ASP A 199 -10.65 19.28 -4.67
C ASP A 199 -9.32 20.01 -4.88
N LYS A 200 -8.48 20.04 -3.85
CA LYS A 200 -7.17 20.67 -3.99
C LYS A 200 -6.36 19.99 -5.09
N TYR A 201 -6.37 18.66 -5.11
CA TYR A 201 -5.61 17.92 -6.12
C TYR A 201 -6.21 18.09 -7.51
N LEU A 202 -7.54 18.15 -7.61
CA LEU A 202 -8.15 18.44 -8.90
C LEU A 202 -7.66 19.78 -9.45
N MET A 203 -7.61 20.80 -8.59
CA MET A 203 -7.18 22.12 -9.05
C MET A 203 -5.70 22.13 -9.38
N LEU A 204 -4.89 21.40 -8.61
CA LEU A 204 -3.47 21.32 -8.96
C LEU A 204 -3.26 20.58 -10.27
N ALA A 205 -4.04 19.53 -10.53
CA ALA A 205 -3.92 18.82 -11.79
C ALA A 205 -4.29 19.72 -12.97
N SER A 206 -5.35 20.53 -12.84
CA SER A 206 -5.68 21.49 -13.88
C SER A 206 -4.56 22.51 -14.07
N GLN A 207 -4.00 23.00 -12.97
CA GLN A 207 -2.92 23.98 -13.08
C GLN A 207 -1.72 23.39 -13.82
N ALA A 208 -1.38 22.14 -13.51
CA ALA A 208 -0.27 21.49 -14.19
C ALA A 208 -0.56 21.28 -15.67
N ALA A 209 -1.82 21.00 -16.00
CA ALA A 209 -2.18 20.75 -17.39
C ALA A 209 -2.13 22.02 -18.24
N SER A 210 -2.43 23.17 -17.66
CA SER A 210 -2.44 24.43 -18.40
C SER A 210 -1.05 24.88 -18.86
PG ATP B . 0.16 -1.10 6.94
O1G ATP B . 0.02 -1.05 8.43
O2G ATP B . 0.28 -2.56 6.45
O3G ATP B . 1.28 -0.21 6.48
PB ATP B . -2.03 0.79 6.26
O1B ATP B . -1.30 1.98 6.74
O2B ATP B . -2.60 0.76 4.84
O3B ATP B . -1.15 -0.54 6.29
PA ATP B . -4.71 -0.02 7.14
O1A ATP B . -4.72 -1.44 6.69
O2A ATP B . -5.46 0.99 6.26
O3A ATP B . -3.21 0.45 7.27
O5' ATP B . -5.26 0.14 8.62
C5' ATP B . -4.56 -0.46 9.73
C4' ATP B . -5.56 -1.10 10.67
O4' ATP B . -6.30 -0.04 11.29
C3' ATP B . -6.61 -1.92 9.89
O3' ATP B . -7.00 -2.95 10.79
C2' ATP B . -7.75 -0.92 9.72
O2' ATP B . -8.98 -1.62 9.84
C1' ATP B . -7.68 -0.17 11.04
N9 ATP B . -8.19 1.20 10.96
C8 ATP B . -8.14 2.06 9.89
N7 ATP B . -8.64 3.24 10.14
C5 ATP B . -9.03 3.17 11.47
C6 ATP B . -9.62 4.08 12.35
N6 ATP B . -9.96 5.33 12.01
N1 ATP B . -9.88 3.68 13.62
C2 ATP B . -9.54 2.43 13.97
N3 ATP B . -8.98 1.48 13.23
C4 ATP B . -8.74 1.91 11.99
C1 PEG C . 3.37 -13.80 1.08
O1 PEG C . 3.15 -15.21 1.11
C2 PEG C . 4.30 -13.41 -0.04
O2 PEG C . 3.61 -13.44 -1.27
C3 PEG C . 2.93 -12.23 -1.56
C4 PEG C . 2.07 -12.42 -2.77
O4 PEG C . 1.02 -11.48 -2.81
C1 MPD D . 0.02 -29.06 -7.18
C2 MPD D . -1.11 -30.02 -7.55
O2 MPD D . -1.08 -31.13 -6.61
CM MPD D . -0.90 -30.58 -8.95
C3 MPD D . -2.46 -29.32 -7.41
C4 MPD D . -2.72 -28.34 -8.54
O4 MPD D . -3.61 -28.90 -9.47
C5 MPD D . -3.32 -27.03 -8.02
CL CL E . 2.06 -12.92 3.71
#